data_1Q5N
#
_entry.id   1Q5N
#
_cell.length_a   159.220
_cell.length_b   159.220
_cell.length_c   93.969
_cell.angle_alpha   90.00
_cell.angle_beta   90.00
_cell.angle_gamma   90.00
#
_symmetry.space_group_name_H-M   'I 41 2 2'
#
loop_
_entity.id
_entity.type
_entity.pdbx_description
1 polymer '3-carboxy-cis,cis-muconate cycloisomerase'
2 water water
#
_entity_poly.entity_id   1
_entity_poly.type   'polypeptide(L)'
_entity_poly.pdbx_seq_one_letter_code
;GSHMSQLYASLFYQRDVTEIFSDRALVSYMVEAEVALAQAQAQVGVIPQSAATVIQRAAKTAIDKIDFDALATATGLAGN
IAIPFVKQLTAIVKDADEDAARYVHWGATSQDILDTACILQCRDALAIVQNQVQQCYETALSQAQTYRHQVMMGRTWLQQ
ALPITLGHKLARWASAFKRDLDRINAIKARVLVAQLGGAVGSLASLQDQGSIVVEAYAKQLKLGQTACTWHGERDRIVEI
ASVLGIITGNVGKMARDWSLMMQTEIAEVFEPTAKGRGGSSTMPHKRNPVAAASVLAAANRVPALMSSIYQSMVQEHERS
LGAWHAEWLSLPEIFQLTAGALERTLDVLKGMEVNAENMHQNIECTHGLIMAEAVMMALAPHMGRLNAHHVVEAACKTAV
AEQKHLKDIISQVDEVKQYFNPSQLDEIFKPESYLGNIQDQIDAVLQEAKGEAK
;
_entity_poly.pdbx_strand_id   A
#
# COMPACT_ATOMS: atom_id res chain seq x y z
N GLN A 6 17.95 -13.17 1.47
CA GLN A 6 18.77 -11.91 1.45
C GLN A 6 19.09 -11.26 0.07
N LEU A 7 19.49 -12.05 -0.92
CA LEU A 7 19.77 -11.47 -2.25
C LEU A 7 18.52 -10.84 -2.84
N TYR A 8 17.35 -11.41 -2.56
CA TYR A 8 16.09 -10.89 -3.07
C TYR A 8 15.49 -9.74 -2.29
N ALA A 9 15.95 -9.57 -1.05
CA ALA A 9 15.43 -8.52 -0.18
C ALA A 9 15.65 -7.17 -0.81
N SER A 10 16.74 -7.07 -1.54
CA SER A 10 17.14 -5.83 -2.18
C SER A 10 16.26 -5.50 -3.37
N LEU A 11 15.77 -6.55 -3.99
CA LEU A 11 14.91 -6.44 -5.16
C LEU A 11 13.43 -6.11 -4.84
N PHE A 12 12.86 -6.78 -3.83
CA PHE A 12 11.46 -6.65 -3.50
C PHE A 12 11.04 -5.94 -2.21
N TYR A 13 11.91 -5.88 -1.21
CA TYR A 13 11.44 -5.29 0.03
C TYR A 13 11.98 -3.92 0.29
N GLN A 14 11.70 -3.42 1.47
CA GLN A 14 12.14 -2.11 1.85
C GLN A 14 12.94 -2.34 3.13
N ARG A 15 14.15 -1.83 3.16
CA ARG A 15 15.05 -2.06 4.28
C ARG A 15 14.51 -1.87 5.73
N ASP A 16 13.89 -0.74 6.05
CA ASP A 16 13.36 -0.52 7.40
C ASP A 16 12.21 -1.48 7.81
N VAL A 17 11.27 -1.75 6.89
CA VAL A 17 10.19 -2.65 7.22
C VAL A 17 10.74 -4.08 7.37
N THR A 18 11.73 -4.46 6.59
CA THR A 18 12.35 -5.79 6.74
C THR A 18 13.02 -5.95 8.14
N GLU A 19 13.61 -4.85 8.63
CA GLU A 19 14.26 -4.89 9.93
C GLU A 19 13.20 -5.04 11.03
N ILE A 20 12.07 -4.34 10.90
CA ILE A 20 11.04 -4.45 11.91
C ILE A 20 10.56 -5.90 12.07
N PHE A 21 10.59 -6.68 10.97
CA PHE A 21 10.14 -8.08 10.97
C PHE A 21 11.24 -9.12 11.03
N SER A 22 12.45 -8.68 11.31
CA SER A 22 13.58 -9.62 11.43
C SER A 22 13.48 -10.40 12.78
N ASP A 23 14.17 -11.54 12.89
CA ASP A 23 14.13 -12.31 14.12
C ASP A 23 14.53 -11.48 15.34
N ARG A 24 15.56 -10.68 15.14
CA ARG A 24 16.11 -9.85 16.18
C ARG A 24 15.10 -8.78 16.61
N ALA A 25 14.46 -8.08 15.67
CA ALA A 25 13.48 -7.11 16.12
C ALA A 25 12.28 -7.80 16.79
N LEU A 26 11.86 -8.95 16.28
CA LEU A 26 10.71 -9.64 16.83
C LEU A 26 10.96 -9.93 18.32
N VAL A 27 12.11 -10.52 18.63
CA VAL A 27 12.48 -10.81 20.02
C VAL A 27 12.59 -9.51 20.85
N SER A 28 13.02 -8.42 20.21
CA SER A 28 13.10 -7.14 20.89
C SER A 28 11.75 -6.70 21.34
N TYR A 29 10.77 -6.83 20.44
CA TYR A 29 9.40 -6.41 20.76
C TYR A 29 8.80 -7.32 21.82
N MET A 30 9.20 -8.59 21.82
CA MET A 30 8.67 -9.51 22.85
C MET A 30 9.20 -9.09 24.22
N VAL A 31 10.48 -8.70 24.24
CA VAL A 31 11.09 -8.23 25.46
C VAL A 31 10.30 -7.00 25.92
N GLU A 32 10.04 -6.09 24.99
CA GLU A 32 9.30 -4.90 25.33
C GLU A 32 7.94 -5.22 25.94
N ALA A 33 7.26 -6.22 25.38
CA ALA A 33 5.95 -6.65 25.89
C ALA A 33 6.05 -7.20 27.35
N GLU A 34 7.12 -7.98 27.63
CA GLU A 34 7.33 -8.55 28.95
C GLU A 34 7.58 -7.45 30.00
N VAL A 35 8.39 -6.46 29.63
CA VAL A 35 8.69 -5.32 30.49
C VAL A 35 7.41 -4.57 30.79
N ALA A 36 6.60 -4.29 29.78
CA ALA A 36 5.40 -3.53 30.03
C ALA A 36 4.45 -4.26 30.97
N LEU A 37 4.43 -5.59 30.84
CA LEU A 37 3.59 -6.45 31.66
C LEU A 37 3.99 -6.39 33.16
N ALA A 38 5.30 -6.47 33.43
CA ALA A 38 5.83 -6.41 34.78
C ALA A 38 5.57 -5.03 35.35
N GLN A 39 5.78 -3.99 34.54
CA GLN A 39 5.51 -2.66 35.01
C GLN A 39 4.06 -2.41 35.32
N ALA A 40 3.17 -2.87 34.46
CA ALA A 40 1.74 -2.65 34.66
C ALA A 40 1.28 -3.37 35.91
N GLN A 41 1.83 -4.55 36.14
CA GLN A 41 1.46 -5.34 37.32
C GLN A 41 1.97 -4.73 38.63
N ALA A 42 3.21 -4.22 38.62
CA ALA A 42 3.80 -3.59 39.80
C ALA A 42 2.98 -2.34 40.13
N GLN A 43 2.63 -1.60 39.10
CA GLN A 43 1.85 -0.41 39.27
C GLN A 43 0.45 -0.60 39.90
N VAL A 44 -0.13 -1.80 39.82
CA VAL A 44 -1.46 -2.01 40.42
C VAL A 44 -1.40 -2.99 41.60
N GLY A 45 -0.18 -3.33 42.03
CA GLY A 45 -0.06 -4.24 43.15
C GLY A 45 0.12 -5.72 42.88
N VAL A 46 -0.20 -6.20 41.69
CA VAL A 46 -0.05 -7.64 41.44
C VAL A 46 1.36 -8.22 41.65
N ILE A 47 2.42 -7.44 41.44
CA ILE A 47 3.75 -7.98 41.75
C ILE A 47 4.51 -6.84 42.39
N PRO A 48 5.54 -7.17 43.19
CA PRO A 48 6.33 -6.12 43.85
C PRO A 48 7.08 -5.21 42.92
N GLN A 49 6.99 -3.92 43.20
CA GLN A 49 7.66 -2.91 42.41
C GLN A 49 9.13 -3.24 42.31
N SER A 50 9.63 -3.94 43.30
CA SER A 50 11.04 -4.29 43.28
C SER A 50 11.36 -5.17 42.07
N ALA A 51 10.59 -6.25 41.89
CA ALA A 51 10.80 -7.20 40.80
C ALA A 51 10.71 -6.51 39.42
N ALA A 52 9.70 -5.66 39.25
CA ALA A 52 9.51 -4.92 38.01
C ALA A 52 10.76 -4.13 37.66
N THR A 53 11.37 -3.49 38.65
CA THR A 53 12.57 -2.68 38.39
C THR A 53 13.76 -3.55 37.97
N VAL A 54 13.92 -4.73 38.56
CA VAL A 54 15.00 -5.61 38.17
C VAL A 54 14.80 -6.16 36.74
N ILE A 55 13.56 -6.51 36.44
CA ILE A 55 13.21 -7.01 35.11
C ILE A 55 13.46 -5.86 34.07
N GLN A 56 12.90 -4.68 34.32
CA GLN A 56 13.10 -3.55 33.43
C GLN A 56 14.57 -3.24 33.16
N ARG A 57 15.43 -3.46 34.15
CA ARG A 57 16.85 -3.19 33.96
C ARG A 57 17.57 -4.33 33.30
N ALA A 58 17.20 -5.56 33.65
CA ALA A 58 17.86 -6.70 33.03
C ALA A 58 17.50 -6.76 31.54
N ALA A 59 16.31 -6.27 31.20
CA ALA A 59 15.81 -6.27 29.83
C ALA A 59 16.66 -5.46 28.87
N LYS A 60 17.11 -4.30 29.33
CA LYS A 60 17.93 -3.43 28.50
C LYS A 60 19.04 -4.18 27.74
N THR A 61 19.51 -5.32 28.24
CA THR A 61 20.56 -6.05 27.51
C THR A 61 20.25 -7.51 27.22
N ALA A 62 19.01 -7.92 27.44
CA ALA A 62 18.65 -9.32 27.23
C ALA A 62 18.88 -9.75 25.80
N ILE A 63 18.62 -8.83 24.87
CA ILE A 63 18.77 -9.13 23.46
C ILE A 63 20.17 -9.60 23.14
N ASP A 64 21.17 -9.04 23.80
CA ASP A 64 22.55 -9.45 23.55
C ASP A 64 22.92 -10.74 24.22
N LYS A 65 22.20 -11.07 25.28
CA LYS A 65 22.48 -12.31 25.99
C LYS A 65 21.71 -13.55 25.47
N ILE A 66 20.65 -13.34 24.69
CA ILE A 66 19.86 -14.43 24.15
C ILE A 66 20.53 -15.27 23.05
N ASP A 67 20.46 -16.60 23.17
CA ASP A 67 21.08 -17.53 22.20
C ASP A 67 20.10 -17.86 21.08
N PHE A 68 20.29 -17.24 19.92
CA PHE A 68 19.39 -17.43 18.82
C PHE A 68 19.38 -18.81 18.20
N ASP A 69 20.48 -19.54 18.30
CA ASP A 69 20.51 -20.90 17.77
C ASP A 69 19.71 -21.80 18.71
N ALA A 70 19.90 -21.59 19.99
CA ALA A 70 19.18 -22.38 20.97
C ALA A 70 17.70 -22.06 20.73
N LEU A 71 17.37 -20.77 20.58
CA LEU A 71 15.99 -20.35 20.38
C LEU A 71 15.33 -20.98 19.15
N ALA A 72 16.04 -21.00 18.01
CA ALA A 72 15.45 -21.60 16.80
C ALA A 72 15.20 -23.10 16.99
N THR A 73 16.19 -23.82 17.48
CA THR A 73 16.05 -25.26 17.71
C THR A 73 14.88 -25.51 18.67
N ALA A 74 14.83 -24.78 19.78
CA ALA A 74 13.76 -24.97 20.77
C ALA A 74 12.36 -24.68 20.18
N THR A 75 12.27 -23.69 19.29
CA THR A 75 11.03 -23.28 18.65
C THR A 75 10.39 -24.42 17.86
N GLY A 76 11.20 -25.16 17.10
CA GLY A 76 10.66 -26.26 16.34
C GLY A 76 10.04 -27.31 17.23
N LEU A 77 10.54 -27.46 18.46
CA LEU A 77 9.98 -28.46 19.36
C LEU A 77 8.77 -27.97 20.18
N ALA A 78 8.79 -26.69 20.55
CA ALA A 78 7.70 -26.17 21.33
C ALA A 78 6.47 -25.76 20.45
N GLY A 79 6.71 -25.43 19.19
CA GLY A 79 5.60 -25.04 18.34
C GLY A 79 5.38 -23.54 18.24
N ASN A 80 6.15 -22.75 19.00
CA ASN A 80 6.13 -21.29 18.96
C ASN A 80 7.38 -20.73 19.64
N ILE A 81 7.71 -19.50 19.30
CA ILE A 81 8.87 -18.86 19.82
C ILE A 81 8.76 -18.38 21.24
N ALA A 82 7.54 -18.04 21.68
CA ALA A 82 7.40 -17.49 23.01
C ALA A 82 7.86 -18.40 24.14
N ILE A 83 7.51 -19.69 24.06
CA ILE A 83 7.87 -20.63 25.12
C ILE A 83 9.38 -20.70 25.43
N PRO A 84 10.23 -20.95 24.43
CA PRO A 84 11.67 -21.01 24.71
C PRO A 84 12.21 -19.61 25.00
N PHE A 85 11.53 -18.60 24.48
CA PHE A 85 11.98 -17.25 24.73
C PHE A 85 11.79 -16.92 26.23
N VAL A 86 10.64 -17.29 26.79
CA VAL A 86 10.35 -17.06 28.19
C VAL A 86 11.39 -17.77 29.05
N LYS A 87 11.73 -19.03 28.74
CA LYS A 87 12.75 -19.74 29.53
C LYS A 87 14.02 -18.89 29.58
N GLN A 88 14.52 -18.53 28.41
CA GLN A 88 15.72 -17.76 28.33
C GLN A 88 15.68 -16.42 29.06
N LEU A 89 14.59 -15.68 28.92
CA LEU A 89 14.52 -14.39 29.57
C LEU A 89 14.48 -14.57 31.06
N THR A 90 13.85 -15.64 31.51
CA THR A 90 13.75 -15.89 32.94
C THR A 90 15.18 -16.20 33.45
N ALA A 91 15.87 -17.10 32.78
CA ALA A 91 17.21 -17.43 33.20
C ALA A 91 18.03 -16.13 33.22
N ILE A 92 17.83 -15.24 32.26
CA ILE A 92 18.61 -14.00 32.24
C ILE A 92 18.32 -13.10 33.45
N VAL A 93 17.06 -13.01 33.85
CA VAL A 93 16.67 -12.18 34.98
C VAL A 93 17.11 -12.83 36.29
N LYS A 94 17.20 -14.16 36.29
CA LYS A 94 17.60 -14.89 37.46
C LYS A 94 19.05 -14.54 37.84
N ASP A 95 19.95 -14.55 36.87
CA ASP A 95 21.34 -14.21 37.12
C ASP A 95 21.51 -12.78 37.58
N ALA A 96 20.41 -12.16 38.02
CA ALA A 96 20.47 -10.79 38.50
C ALA A 96 19.71 -10.70 39.82
N ASP A 97 18.81 -11.64 40.05
CA ASP A 97 18.02 -11.68 41.26
C ASP A 97 17.05 -12.86 41.16
N GLU A 98 17.42 -13.99 41.78
CA GLU A 98 16.59 -15.20 41.71
C GLU A 98 15.16 -14.94 42.10
N ASP A 99 14.93 -13.83 42.77
CA ASP A 99 13.57 -13.52 43.18
C ASP A 99 12.70 -12.76 42.18
N ALA A 100 13.28 -11.80 41.47
CA ALA A 100 12.52 -11.07 40.49
C ALA A 100 12.12 -12.07 39.39
N ALA A 101 12.97 -13.06 39.13
CA ALA A 101 12.72 -14.05 38.10
C ALA A 101 11.36 -14.77 38.18
N ARG A 102 10.78 -14.86 39.37
CA ARG A 102 9.50 -15.54 39.54
C ARG A 102 8.36 -14.79 38.92
N TYR A 103 8.53 -13.50 38.75
CA TYR A 103 7.49 -12.67 38.20
C TYR A 103 7.59 -12.42 36.69
N VAL A 104 8.56 -13.04 36.02
CA VAL A 104 8.68 -12.88 34.57
C VAL A 104 7.53 -13.63 33.89
N HIS A 105 6.78 -12.93 33.03
CA HIS A 105 5.71 -13.55 32.25
C HIS A 105 4.58 -13.99 33.17
N TRP A 106 4.40 -13.25 34.26
CA TRP A 106 3.38 -13.56 35.26
C TRP A 106 1.97 -13.43 34.72
N GLY A 107 1.23 -14.54 34.68
CA GLY A 107 -0.15 -14.48 34.20
C GLY A 107 -0.45 -14.44 32.68
N ALA A 108 0.56 -14.31 31.83
CA ALA A 108 0.32 -14.25 30.40
C ALA A 108 0.46 -15.61 29.76
N THR A 109 -0.05 -15.72 28.53
CA THR A 109 0.11 -16.99 27.83
C THR A 109 0.94 -16.59 26.59
N SER A 110 1.49 -17.58 25.90
CA SER A 110 2.32 -17.33 24.70
C SER A 110 1.72 -16.38 23.67
N GLN A 111 0.45 -16.61 23.34
CA GLN A 111 -0.20 -15.79 22.33
C GLN A 111 -0.32 -14.29 22.77
N ASP A 112 -0.41 -14.00 24.07
CA ASP A 112 -0.49 -12.60 24.47
C ASP A 112 0.79 -11.88 24.03
N ILE A 113 1.94 -12.48 24.31
CA ILE A 113 3.20 -11.86 23.97
C ILE A 113 3.43 -11.82 22.43
N LEU A 114 3.07 -12.90 21.74
CA LEU A 114 3.24 -12.95 20.28
C LEU A 114 2.32 -11.96 19.57
N ASP A 115 1.03 -11.92 19.93
CA ASP A 115 0.11 -10.97 19.29
C ASP A 115 0.47 -9.50 19.64
N THR A 116 0.94 -9.26 20.88
CA THR A 116 1.30 -7.91 21.25
C THR A 116 2.55 -7.49 20.46
N ALA A 117 3.54 -8.38 20.35
CA ALA A 117 4.74 -8.00 19.59
C ALA A 117 4.32 -7.78 18.10
N CYS A 118 3.39 -8.61 17.60
CA CYS A 118 2.93 -8.43 16.24
C CYS A 118 2.30 -7.02 16.06
N ILE A 119 1.41 -6.61 16.96
CA ILE A 119 0.81 -5.28 16.88
C ILE A 119 1.87 -4.14 17.04
N LEU A 120 2.89 -4.38 17.86
CA LEU A 120 3.93 -3.36 18.00
C LEU A 120 4.67 -3.25 16.66
N GLN A 121 4.95 -4.39 16.02
CA GLN A 121 5.60 -4.37 14.74
C GLN A 121 4.70 -3.63 13.72
N CYS A 122 3.41 -3.97 13.69
CA CYS A 122 2.49 -3.34 12.76
C CYS A 122 2.42 -1.83 12.99
N ARG A 123 2.51 -1.41 14.26
CA ARG A 123 2.45 0.01 14.51
C ARG A 123 3.62 0.70 13.85
N ASP A 124 4.80 0.14 14.01
CA ASP A 124 5.98 0.76 13.46
C ASP A 124 6.05 0.69 11.92
N ALA A 125 5.67 -0.44 11.33
CA ALA A 125 5.73 -0.56 9.87
C ALA A 125 4.61 0.28 9.24
N LEU A 126 3.46 0.46 9.92
CA LEU A 126 2.39 1.29 9.38
C LEU A 126 2.86 2.75 9.28
N ALA A 127 3.64 3.21 10.27
CA ALA A 127 4.13 4.58 10.29
C ALA A 127 4.99 4.78 9.05
N ILE A 128 5.88 3.83 8.77
CA ILE A 128 6.72 3.93 7.58
C ILE A 128 5.87 3.88 6.30
N VAL A 129 4.93 2.93 6.19
CA VAL A 129 4.10 2.82 4.99
C VAL A 129 3.28 4.08 4.81
N GLN A 130 2.76 4.61 5.91
CA GLN A 130 1.94 5.81 5.81
C GLN A 130 2.78 6.97 5.30
N ASN A 131 4.00 7.08 5.80
CA ASN A 131 4.82 8.16 5.35
C ASN A 131 5.15 7.97 3.84
N GLN A 132 5.37 6.73 3.40
CA GLN A 132 5.66 6.51 1.96
C GLN A 132 4.44 6.92 1.14
N VAL A 133 3.24 6.58 1.59
CA VAL A 133 2.06 6.97 0.82
C VAL A 133 1.91 8.49 0.75
N GLN A 134 2.21 9.15 1.87
CA GLN A 134 2.14 10.59 1.97
C GLN A 134 3.11 11.23 0.93
N GLN A 135 4.35 10.75 0.85
CA GLN A 135 5.28 11.29 -0.13
C GLN A 135 4.84 10.98 -1.58
N CYS A 136 4.31 9.77 -1.81
CA CYS A 136 3.82 9.42 -3.12
C CYS A 136 2.69 10.39 -3.47
N TYR A 137 1.77 10.64 -2.53
CA TYR A 137 0.66 11.57 -2.76
C TYR A 137 1.16 12.99 -3.15
N GLU A 138 2.06 13.53 -2.34
CA GLU A 138 2.63 14.86 -2.55
C GLU A 138 3.28 14.96 -3.90
N THR A 139 4.19 14.00 -4.16
CA THR A 139 4.86 13.96 -5.44
C THR A 139 3.84 13.80 -6.61
N ALA A 140 2.82 12.95 -6.48
CA ALA A 140 1.90 12.83 -7.61
C ALA A 140 1.14 14.14 -7.82
N LEU A 141 0.75 14.81 -6.72
CA LEU A 141 0.01 16.07 -6.87
C LEU A 141 0.90 17.10 -7.59
N SER A 142 2.15 17.20 -7.20
CA SER A 142 3.05 18.17 -7.80
C SER A 142 3.29 17.92 -9.32
N GLN A 143 3.46 16.65 -9.70
CA GLN A 143 3.68 16.29 -11.10
C GLN A 143 2.40 16.48 -11.87
N ALA A 144 1.26 16.23 -11.21
CA ALA A 144 0.00 16.40 -11.92
C ALA A 144 -0.16 17.83 -12.39
N GLN A 145 0.27 18.76 -11.54
CA GLN A 145 0.23 20.20 -11.79
C GLN A 145 1.21 20.57 -12.92
N THR A 146 2.44 20.06 -12.82
CA THR A 146 3.44 20.34 -13.83
C THR A 146 3.02 19.93 -15.25
N TYR A 147 2.25 18.84 -15.36
CA TYR A 147 1.87 18.29 -16.67
C TYR A 147 0.39 18.28 -16.94
N ARG A 148 -0.36 19.13 -16.25
CA ARG A 148 -1.80 19.12 -16.47
C ARG A 148 -2.19 19.46 -17.92
N HIS A 149 -1.27 20.08 -18.64
CA HIS A 149 -1.52 20.46 -20.04
C HIS A 149 -0.74 19.61 -21.05
N GLN A 150 0.02 18.62 -20.57
CA GLN A 150 0.76 17.78 -21.48
C GLN A 150 -0.21 16.79 -22.13
N VAL A 151 -0.64 17.09 -23.36
CA VAL A 151 -1.55 16.22 -24.09
C VAL A 151 -0.94 14.85 -24.52
N MET A 152 -1.72 13.78 -24.47
CA MET A 152 -1.25 12.44 -24.88
C MET A 152 -2.47 11.59 -25.16
N MET A 153 -2.31 10.41 -25.73
CA MET A 153 -3.52 9.62 -26.01
C MET A 153 -4.08 8.82 -24.82
N GLY A 154 -5.40 8.84 -24.68
CA GLY A 154 -6.05 7.99 -23.68
C GLY A 154 -6.22 6.65 -24.43
N ARG A 155 -6.05 5.53 -23.74
CA ARG A 155 -6.12 4.20 -24.37
C ARG A 155 -7.09 3.30 -23.61
N THR A 156 -8.00 2.70 -24.38
CA THR A 156 -8.99 1.80 -23.83
C THR A 156 -8.82 0.44 -24.54
N TRP A 157 -8.81 -0.63 -23.76
CA TRP A 157 -8.59 -1.98 -24.32
C TRP A 157 -7.26 -1.95 -25.11
N LEU A 158 -6.34 -1.12 -24.65
CA LEU A 158 -5.01 -0.93 -25.23
C LEU A 158 -4.98 -0.28 -26.63
N GLN A 159 -6.09 0.34 -27.01
CA GLN A 159 -6.24 0.99 -28.30
C GLN A 159 -6.39 2.49 -28.09
N GLN A 160 -5.74 3.28 -28.95
CA GLN A 160 -5.89 4.74 -28.85
C GLN A 160 -7.36 5.11 -28.95
N ALA A 161 -7.81 6.05 -28.13
CA ALA A 161 -9.23 6.41 -28.19
C ALA A 161 -9.42 7.94 -28.35
N LEU A 162 -9.20 8.74 -27.29
CA LEU A 162 -9.36 10.19 -27.39
C LEU A 162 -8.24 10.77 -26.56
N PRO A 163 -7.88 12.04 -26.79
CA PRO A 163 -6.79 12.68 -26.04
C PRO A 163 -7.11 12.83 -24.57
N ILE A 164 -6.09 12.81 -23.72
CA ILE A 164 -6.24 13.14 -22.26
C ILE A 164 -4.96 13.95 -21.98
N THR A 165 -4.61 14.21 -20.71
CA THR A 165 -3.32 14.85 -20.43
C THR A 165 -2.62 13.95 -19.40
N LEU A 166 -1.30 13.97 -19.39
CA LEU A 166 -0.56 13.18 -18.47
C LEU A 166 -0.98 13.59 -17.06
N GLY A 167 -1.22 14.88 -16.87
CA GLY A 167 -1.62 15.36 -15.57
C GLY A 167 -2.90 14.68 -15.11
N HIS A 168 -3.80 14.34 -16.04
CA HIS A 168 -5.01 13.66 -15.58
C HIS A 168 -4.69 12.23 -15.00
N LYS A 169 -3.80 11.45 -15.64
CA LYS A 169 -3.42 10.16 -15.08
C LYS A 169 -2.83 10.38 -13.67
N LEU A 170 -1.95 11.38 -13.55
CA LEU A 170 -1.31 11.69 -12.27
C LEU A 170 -2.33 12.11 -11.20
N ALA A 171 -3.35 12.87 -11.60
CA ALA A 171 -4.36 13.28 -10.62
C ALA A 171 -5.15 12.05 -10.15
N ARG A 172 -5.46 11.14 -11.09
CA ARG A 172 -6.19 9.93 -10.77
C ARG A 172 -5.37 9.10 -9.71
N TRP A 173 -4.05 8.99 -9.90
CA TRP A 173 -3.21 8.26 -8.97
C TRP A 173 -3.13 8.94 -7.59
N ALA A 174 -3.05 10.27 -7.63
CA ALA A 174 -2.96 11.06 -6.42
C ALA A 174 -4.21 10.84 -5.58
N SER A 175 -5.36 10.99 -6.18
CA SER A 175 -6.61 10.80 -5.45
C SER A 175 -6.69 9.36 -4.86
N ALA A 176 -6.12 8.37 -5.55
CA ALA A 176 -6.16 7.00 -5.04
C ALA A 176 -5.26 6.96 -3.79
N PHE A 177 -4.11 7.62 -3.84
CA PHE A 177 -3.25 7.63 -2.67
C PHE A 177 -3.95 8.35 -1.48
N LYS A 178 -4.70 9.41 -1.77
CA LYS A 178 -5.39 10.10 -0.70
C LYS A 178 -6.42 9.17 -0.05
N ARG A 179 -7.15 8.37 -0.83
CA ARG A 179 -8.10 7.45 -0.20
C ARG A 179 -7.35 6.39 0.66
N ASP A 180 -6.12 6.06 0.29
CA ASP A 180 -5.34 5.14 1.08
C ASP A 180 -4.95 5.77 2.43
N LEU A 181 -4.58 7.05 2.39
CA LEU A 181 -4.25 7.79 3.59
C LEU A 181 -5.50 7.79 4.53
N ASP A 182 -6.69 7.95 3.97
CA ASP A 182 -7.87 7.94 4.78
C ASP A 182 -8.11 6.56 5.41
N ARG A 183 -7.90 5.52 4.61
CA ARG A 183 -8.11 4.16 5.10
C ARG A 183 -7.16 3.84 6.25
N ILE A 184 -5.90 4.23 6.09
CA ILE A 184 -4.91 3.98 7.13
C ILE A 184 -5.32 4.70 8.44
N ASN A 185 -5.71 5.97 8.36
CA ASN A 185 -6.08 6.69 9.56
C ASN A 185 -7.32 6.11 10.22
N ALA A 186 -8.28 5.69 9.42
CA ALA A 186 -9.52 5.15 9.95
C ALA A 186 -9.43 3.80 10.68
N ILE A 187 -8.41 2.99 10.45
CA ILE A 187 -8.33 1.69 11.14
C ILE A 187 -7.46 1.70 12.39
N LYS A 188 -6.61 2.70 12.52
CA LYS A 188 -5.71 2.72 13.68
C LYS A 188 -6.32 2.44 15.05
N ALA A 189 -7.40 3.15 15.40
CA ALA A 189 -8.04 2.98 16.72
C ALA A 189 -8.56 1.57 16.98
N ARG A 190 -9.11 0.95 15.95
CA ARG A 190 -9.70 -0.37 16.04
C ARG A 190 -8.70 -1.53 16.01
N VAL A 191 -7.59 -1.27 15.36
CA VAL A 191 -6.61 -2.30 15.13
C VAL A 191 -5.35 -2.37 16.03
N LEU A 192 -4.86 -1.20 16.45
CA LEU A 192 -3.65 -1.14 17.25
C LEU A 192 -4.03 -1.24 18.72
N VAL A 193 -4.32 -2.47 19.16
CA VAL A 193 -4.75 -2.73 20.52
C VAL A 193 -3.86 -3.81 21.08
N ALA A 194 -3.77 -3.86 22.42
CA ALA A 194 -2.94 -4.86 23.11
C ALA A 194 -3.63 -6.22 23.19
N GLN A 195 -2.84 -7.27 23.45
CA GLN A 195 -3.45 -8.60 23.64
C GLN A 195 -2.99 -9.13 25.00
N LEU A 196 -3.92 -9.32 25.92
CA LEU A 196 -3.53 -9.91 27.22
C LEU A 196 -4.77 -10.62 27.79
N GLY A 197 -4.79 -11.94 27.68
CA GLY A 197 -5.94 -12.70 28.13
C GLY A 197 -5.57 -14.02 28.79
N GLY A 198 -4.30 -14.40 28.81
CA GLY A 198 -3.97 -15.66 29.44
C GLY A 198 -4.43 -16.88 28.65
N ALA A 199 -4.11 -18.07 29.17
CA ALA A 199 -4.40 -19.33 28.52
C ALA A 199 -5.68 -19.45 27.68
N VAL A 200 -6.85 -19.18 28.26
CA VAL A 200 -8.10 -19.29 27.50
C VAL A 200 -8.79 -17.93 27.40
N GLY A 201 -7.99 -16.86 27.53
CA GLY A 201 -8.49 -15.50 27.41
C GLY A 201 -9.33 -15.05 28.59
N SER A 202 -9.24 -15.74 29.73
CA SER A 202 -10.03 -15.38 30.94
C SER A 202 -9.20 -14.70 32.03
N LEU A 203 -7.88 -14.61 31.82
CA LEU A 203 -6.97 -14.06 32.81
C LEU A 203 -7.22 -14.72 34.17
N ALA A 204 -7.58 -16.00 34.17
CA ALA A 204 -7.87 -16.69 35.41
C ALA A 204 -6.75 -16.60 36.49
N SER A 205 -5.47 -16.74 36.12
CA SER A 205 -4.44 -16.65 37.15
C SER A 205 -4.26 -15.26 37.82
N LEU A 206 -4.90 -14.23 37.27
CA LEU A 206 -4.84 -12.90 37.87
C LEU A 206 -6.09 -12.66 38.73
N GLN A 207 -6.95 -13.67 38.79
CA GLN A 207 -8.18 -13.63 39.58
C GLN A 207 -9.16 -12.48 39.46
N ASP A 208 -9.13 -11.50 40.33
CA ASP A 208 -10.07 -10.39 40.15
C ASP A 208 -9.38 -9.08 39.78
N GLN A 209 -8.10 -9.18 39.45
CA GLN A 209 -7.26 -8.05 39.06
C GLN A 209 -7.11 -7.98 37.54
N GLY A 210 -7.76 -8.89 36.83
CA GLY A 210 -7.60 -8.91 35.38
C GLY A 210 -7.82 -7.64 34.59
N SER A 211 -9.02 -7.06 34.72
CA SER A 211 -9.36 -5.85 33.98
C SER A 211 -8.42 -4.67 34.32
N ILE A 212 -8.06 -4.54 35.60
CA ILE A 212 -7.17 -3.50 36.07
C ILE A 212 -5.80 -3.68 35.38
N VAL A 213 -5.29 -4.91 35.35
CA VAL A 213 -4.00 -5.13 34.72
C VAL A 213 -3.98 -4.89 33.18
N VAL A 214 -5.04 -5.24 32.46
CA VAL A 214 -5.07 -5.07 31.00
C VAL A 214 -5.05 -3.59 30.70
N GLU A 215 -5.82 -2.83 31.48
CA GLU A 215 -5.88 -1.41 31.28
C GLU A 215 -4.50 -0.75 31.40
N ALA A 216 -3.77 -1.11 32.44
CA ALA A 216 -2.45 -0.53 32.65
C ALA A 216 -1.41 -1.09 31.67
N TYR A 217 -1.63 -2.31 31.19
CA TYR A 217 -0.70 -2.89 30.22
C TYR A 217 -0.86 -2.13 28.88
N ALA A 218 -2.10 -1.91 28.47
CA ALA A 218 -2.37 -1.19 27.24
C ALA A 218 -1.71 0.17 27.34
N LYS A 219 -1.97 0.87 28.44
CA LYS A 219 -1.42 2.21 28.65
C LYS A 219 0.09 2.26 28.59
N GLN A 220 0.77 1.32 29.22
CA GLN A 220 2.23 1.28 29.18
C GLN A 220 2.79 1.21 27.77
N LEU A 221 2.05 0.56 26.87
CA LEU A 221 2.51 0.38 25.52
C LEU A 221 1.89 1.39 24.59
N LYS A 222 0.96 2.16 25.13
CA LYS A 222 0.25 3.17 24.36
C LYS A 222 -0.56 2.52 23.22
N LEU A 223 -1.22 1.41 23.52
CA LEU A 223 -2.07 0.72 22.56
C LEU A 223 -3.47 0.83 23.08
N GLY A 224 -4.44 0.57 22.21
CA GLY A 224 -5.82 0.55 22.65
C GLY A 224 -6.08 -0.71 23.52
N GLN A 225 -7.20 -0.70 24.20
CA GLN A 225 -7.58 -1.82 25.03
C GLN A 225 -8.83 -2.39 24.35
N THR A 226 -9.09 -3.67 24.43
CA THR A 226 -10.28 -4.18 23.79
C THR A 226 -11.23 -4.67 24.87
N ALA A 227 -12.51 -4.78 24.55
CA ALA A 227 -13.51 -5.23 25.50
C ALA A 227 -13.25 -6.71 25.88
N CYS A 228 -12.96 -7.56 24.91
CA CYS A 228 -12.69 -8.95 25.28
C CYS A 228 -11.43 -9.50 24.57
N THR A 229 -10.87 -10.58 25.09
CA THR A 229 -9.68 -11.19 24.51
C THR A 229 -9.95 -11.55 23.01
N TRP A 230 -8.94 -11.39 22.15
CA TRP A 230 -9.18 -11.76 20.72
C TRP A 230 -8.13 -12.74 20.16
N HIS A 231 -7.84 -13.78 20.95
CA HIS A 231 -6.92 -14.83 20.53
C HIS A 231 -7.49 -15.55 19.31
N GLY A 232 -8.80 -15.75 19.30
CA GLY A 232 -9.44 -16.45 18.21
C GLY A 232 -10.16 -15.62 17.18
N GLU A 233 -10.40 -14.32 17.43
CA GLU A 233 -11.12 -13.46 16.49
C GLU A 233 -10.05 -12.61 15.81
N ARG A 234 -9.84 -12.82 14.52
CA ARG A 234 -8.70 -12.15 13.89
C ARG A 234 -8.93 -11.06 12.88
N ASP A 235 -10.14 -10.52 12.86
CA ASP A 235 -10.48 -9.46 11.92
C ASP A 235 -9.48 -8.29 11.98
N ARG A 236 -8.90 -7.97 13.12
CA ARG A 236 -7.96 -6.85 13.14
C ARG A 236 -6.67 -7.07 12.29
N ILE A 237 -6.20 -8.31 12.26
CA ILE A 237 -5.01 -8.67 11.49
C ILE A 237 -5.34 -8.59 9.98
N VAL A 238 -6.47 -9.19 9.61
CA VAL A 238 -6.89 -9.23 8.24
C VAL A 238 -7.11 -7.83 7.73
N GLU A 239 -7.71 -7.00 8.59
CA GLU A 239 -8.04 -5.65 8.20
C GLU A 239 -6.79 -4.86 7.82
N ILE A 240 -5.73 -5.03 8.60
CA ILE A 240 -4.47 -4.34 8.29
C ILE A 240 -3.94 -4.87 6.92
N ALA A 241 -3.95 -6.20 6.72
CA ALA A 241 -3.49 -6.78 5.45
C ALA A 241 -4.34 -6.27 4.28
N SER A 242 -5.65 -6.18 4.48
CA SER A 242 -6.54 -5.74 3.39
C SER A 242 -6.22 -4.33 2.86
N VAL A 243 -5.80 -3.44 3.75
CA VAL A 243 -5.46 -2.07 3.35
C VAL A 243 -4.10 -2.06 2.62
N LEU A 244 -3.15 -2.86 3.08
CA LEU A 244 -1.85 -2.96 2.44
C LEU A 244 -2.11 -3.54 1.04
N GLY A 245 -3.03 -4.51 0.96
CA GLY A 245 -3.35 -5.11 -0.32
C GLY A 245 -3.88 -4.06 -1.33
N ILE A 246 -4.72 -3.13 -0.88
CA ILE A 246 -5.24 -2.13 -1.78
C ILE A 246 -4.14 -1.18 -2.24
N ILE A 247 -3.22 -0.84 -1.33
CA ILE A 247 -2.14 0.05 -1.69
C ILE A 247 -1.27 -0.64 -2.75
N THR A 248 -0.99 -1.92 -2.56
CA THR A 248 -0.15 -2.59 -3.53
C THR A 248 -0.88 -2.64 -4.87
N GLY A 249 -2.20 -2.88 -4.84
CA GLY A 249 -2.93 -2.87 -6.11
C GLY A 249 -2.86 -1.49 -6.80
N ASN A 250 -2.92 -0.37 -6.05
CA ASN A 250 -2.83 0.96 -6.69
C ASN A 250 -1.48 1.17 -7.40
N VAL A 251 -0.37 0.77 -6.78
CA VAL A 251 0.91 1.05 -7.46
C VAL A 251 1.16 0.00 -8.56
N GLY A 252 0.50 -1.15 -8.41
CA GLY A 252 0.59 -2.21 -9.43
C GLY A 252 -0.04 -1.61 -10.70
N LYS A 253 -1.19 -0.95 -10.56
CA LYS A 253 -1.85 -0.35 -11.71
C LYS A 253 -0.95 0.72 -12.37
N MET A 254 -0.26 1.52 -11.53
CA MET A 254 0.62 2.56 -12.02
C MET A 254 1.84 1.93 -12.77
N ALA A 255 2.41 0.86 -12.21
CA ALA A 255 3.55 0.21 -12.84
C ALA A 255 3.13 -0.43 -14.19
N ARG A 256 1.91 -0.97 -14.25
CA ARG A 256 1.47 -1.53 -15.54
C ARG A 256 1.47 -0.36 -16.56
N ASP A 257 0.91 0.78 -16.18
CA ASP A 257 0.85 1.93 -17.08
C ASP A 257 2.21 2.52 -17.52
N TRP A 258 3.12 2.79 -16.57
CA TRP A 258 4.35 3.39 -17.01
C TRP A 258 5.21 2.42 -17.81
N SER A 259 5.12 1.11 -17.53
CA SER A 259 5.96 0.20 -18.34
C SER A 259 5.36 0.08 -19.74
N LEU A 260 4.04 0.23 -19.86
CA LEU A 260 3.44 0.18 -21.21
C LEU A 260 3.89 1.46 -21.96
N MET A 261 4.04 2.55 -21.22
CA MET A 261 4.45 3.81 -21.85
C MET A 261 5.94 3.80 -22.19
N MET A 262 6.67 2.82 -21.68
CA MET A 262 8.07 2.68 -21.97
C MET A 262 8.32 1.72 -23.14
N GLN A 263 7.28 1.10 -23.69
CA GLN A 263 7.53 0.18 -24.84
C GLN A 263 8.30 0.98 -25.92
N THR A 264 9.24 0.33 -26.58
CA THR A 264 10.03 0.99 -27.60
C THR A 264 9.20 1.79 -28.62
N GLU A 265 8.07 1.24 -29.04
CA GLU A 265 7.26 1.90 -30.05
C GLU A 265 6.40 3.04 -29.49
N ILE A 266 6.32 3.19 -28.18
CA ILE A 266 5.48 4.25 -27.60
C ILE A 266 6.41 5.29 -26.96
N ALA A 267 7.29 4.84 -26.06
CA ALA A 267 8.33 5.68 -25.49
C ALA A 267 7.89 7.05 -25.03
N GLU A 268 6.82 7.14 -24.26
CA GLU A 268 6.31 8.42 -23.81
C GLU A 268 6.78 8.84 -22.41
N VAL A 269 7.14 7.85 -21.59
CA VAL A 269 7.54 8.09 -20.23
C VAL A 269 8.54 7.03 -19.88
N PHE A 270 9.56 7.39 -19.10
CA PHE A 270 10.61 6.44 -18.71
C PHE A 270 10.94 6.47 -17.24
N GLU A 271 11.37 5.31 -16.76
CA GLU A 271 11.79 5.19 -15.40
C GLU A 271 13.12 5.93 -15.31
N PRO A 272 13.43 6.51 -14.13
CA PRO A 272 14.73 7.21 -14.01
C PRO A 272 15.83 6.17 -14.19
N THR A 273 16.93 6.59 -14.78
CA THR A 273 18.04 5.68 -15.04
C THR A 273 18.68 5.10 -13.77
N ARG A 287 17.53 0.18 -21.80
CA ARG A 287 16.53 0.84 -20.94
C ARG A 287 15.40 -0.08 -20.37
N ASN A 288 15.69 -0.88 -19.34
CA ASN A 288 14.67 -1.79 -18.77
C ASN A 288 13.83 -1.24 -17.59
N PRO A 289 12.54 -1.58 -17.54
CA PRO A 289 11.70 -1.06 -16.44
C PRO A 289 11.90 -1.92 -15.19
N VAL A 290 13.07 -1.78 -14.59
CA VAL A 290 13.41 -2.51 -13.39
C VAL A 290 12.46 -2.26 -12.24
N ALA A 291 11.98 -1.03 -12.08
CA ALA A 291 11.11 -0.78 -10.95
C ALA A 291 9.73 -1.43 -11.19
N ALA A 292 9.30 -1.42 -12.44
CA ALA A 292 7.98 -1.99 -12.73
C ALA A 292 7.99 -3.50 -12.46
N ALA A 293 9.08 -4.18 -12.84
CA ALA A 293 9.20 -5.61 -12.64
C ALA A 293 8.98 -6.00 -11.15
N SER A 294 9.60 -5.27 -10.24
CA SER A 294 9.43 -5.54 -8.80
C SER A 294 8.00 -5.23 -8.34
N VAL A 295 7.51 -4.06 -8.72
CA VAL A 295 6.17 -3.68 -8.31
C VAL A 295 5.13 -4.66 -8.86
N LEU A 296 5.30 -5.13 -10.10
CA LEU A 296 4.32 -6.01 -10.68
C LEU A 296 4.43 -7.39 -10.04
N ALA A 297 5.63 -7.78 -9.60
CA ALA A 297 5.78 -9.05 -8.89
C ALA A 297 5.01 -8.94 -7.53
N ALA A 298 5.09 -7.81 -6.86
CA ALA A 298 4.38 -7.64 -5.60
C ALA A 298 2.85 -7.63 -5.89
N ALA A 299 2.45 -7.10 -7.04
CA ALA A 299 1.03 -7.06 -7.36
C ALA A 299 0.44 -8.43 -7.75
N ASN A 300 1.32 -9.41 -7.92
CA ASN A 300 0.98 -10.83 -8.20
C ASN A 300 0.95 -11.57 -6.81
N ARG A 301 2.01 -11.37 -6.02
CA ARG A 301 2.20 -12.03 -4.75
C ARG A 301 1.21 -11.60 -3.61
N VAL A 302 0.93 -10.29 -3.49
CA VAL A 302 0.05 -9.82 -2.44
C VAL A 302 -1.36 -10.40 -2.55
N PRO A 303 -1.96 -10.43 -3.76
CA PRO A 303 -3.31 -11.03 -3.87
C PRO A 303 -3.32 -12.49 -3.41
N ALA A 304 -2.23 -13.23 -3.72
CA ALA A 304 -2.14 -14.63 -3.27
C ALA A 304 -2.02 -14.67 -1.76
N LEU A 305 -1.19 -13.81 -1.15
CA LEU A 305 -1.06 -13.79 0.31
C LEU A 305 -2.40 -13.40 0.98
N MET A 306 -3.24 -12.62 0.29
CA MET A 306 -4.52 -12.21 0.83
C MET A 306 -5.39 -13.46 1.01
N SER A 307 -5.34 -14.39 0.05
CA SER A 307 -6.13 -15.62 0.15
C SER A 307 -5.75 -16.30 1.48
N SER A 308 -4.46 -16.38 1.75
CA SER A 308 -3.98 -16.99 2.96
C SER A 308 -4.43 -16.32 4.31
N ILE A 309 -4.32 -15.00 4.37
CA ILE A 309 -4.63 -14.25 5.55
C ILE A 309 -6.14 -14.39 5.82
N TYR A 310 -6.97 -14.37 4.76
CA TYR A 310 -8.41 -14.58 4.91
C TYR A 310 -8.75 -16.02 5.37
N GLN A 311 -8.08 -17.06 4.83
CA GLN A 311 -8.35 -18.42 5.33
C GLN A 311 -7.98 -18.48 6.84
N SER A 312 -6.94 -17.74 7.27
CA SER A 312 -6.55 -17.76 8.65
C SER A 312 -7.60 -17.28 9.67
N MET A 313 -8.71 -16.74 9.20
CA MET A 313 -9.80 -16.32 10.12
C MET A 313 -10.49 -17.52 10.73
N VAL A 314 -10.47 -18.65 10.03
CA VAL A 314 -11.16 -19.82 10.57
C VAL A 314 -10.25 -20.48 11.62
N GLN A 315 -10.49 -20.16 12.90
CA GLN A 315 -9.63 -20.61 13.99
C GLN A 315 -10.43 -21.41 15.00
N GLU A 316 -9.88 -22.53 15.47
CA GLU A 316 -10.57 -23.35 16.47
C GLU A 316 -10.63 -22.76 17.89
N HIS A 317 -11.84 -22.69 18.42
CA HIS A 317 -12.07 -22.30 19.79
C HIS A 317 -11.21 -21.20 20.36
N GLU A 318 -10.40 -21.52 21.39
CA GLU A 318 -9.60 -20.54 22.06
C GLU A 318 -8.16 -20.40 21.58
N ARG A 319 -7.74 -21.25 20.66
CA ARG A 319 -6.39 -21.15 20.11
C ARG A 319 -6.37 -22.18 19.00
N SER A 320 -6.12 -21.69 17.79
CA SER A 320 -6.17 -22.51 16.62
C SER A 320 -4.95 -23.35 16.33
N LEU A 321 -5.18 -24.34 15.49
CA LEU A 321 -4.19 -25.29 15.03
C LEU A 321 -3.95 -25.03 13.55
N GLY A 322 -2.93 -24.28 13.19
CA GLY A 322 -2.67 -24.05 11.76
C GLY A 322 -2.92 -22.62 11.26
N ALA A 323 -4.15 -22.13 11.37
CA ALA A 323 -4.50 -20.79 10.91
C ALA A 323 -3.65 -19.71 11.57
N TRP A 324 -3.44 -19.80 12.87
CA TRP A 324 -2.66 -18.79 13.58
C TRP A 324 -1.19 -18.85 13.19
N HIS A 325 -0.65 -20.06 13.11
CA HIS A 325 0.75 -20.25 12.68
C HIS A 325 0.99 -19.61 11.27
N ALA A 326 0.04 -19.77 10.35
CA ALA A 326 0.19 -19.25 8.98
C ALA A 326 0.34 -17.74 8.94
N GLU A 327 -0.33 -17.05 9.86
CA GLU A 327 -0.23 -15.57 9.93
C GLU A 327 1.21 -15.12 10.15
N TRP A 328 1.96 -15.91 10.92
CA TRP A 328 3.34 -15.49 11.19
C TRP A 328 4.14 -15.42 9.91
N LEU A 329 3.72 -16.16 8.87
CA LEU A 329 4.43 -16.13 7.61
C LEU A 329 3.84 -15.14 6.63
N SER A 330 2.52 -14.98 6.61
CA SER A 330 1.95 -14.12 5.60
C SER A 330 1.96 -12.61 5.88
N LEU A 331 1.52 -12.20 7.09
CA LEU A 331 1.46 -10.78 7.42
C LEU A 331 2.77 -10.05 7.18
N PRO A 332 3.89 -10.56 7.71
CA PRO A 332 5.14 -9.81 7.44
C PRO A 332 5.44 -9.68 5.92
N GLU A 333 5.21 -10.74 5.15
CA GLU A 333 5.52 -10.69 3.72
C GLU A 333 4.67 -9.59 3.06
N ILE A 334 3.38 -9.44 3.43
CA ILE A 334 2.51 -8.42 2.83
C ILE A 334 3.07 -7.01 3.12
N PHE A 335 3.43 -6.73 4.37
CA PHE A 335 4.05 -5.44 4.72
C PHE A 335 5.34 -5.19 3.92
N GLN A 336 6.21 -6.17 3.90
CA GLN A 336 7.47 -6.03 3.19
C GLN A 336 7.35 -5.79 1.69
N LEU A 337 6.39 -6.45 1.02
CA LEU A 337 6.18 -6.27 -0.42
C LEU A 337 5.54 -4.91 -0.70
N THR A 338 4.63 -4.49 0.19
CA THR A 338 3.95 -3.21 0.02
C THR A 338 4.93 -2.03 0.18
N ALA A 339 5.75 -2.08 1.24
CA ALA A 339 6.71 -1.01 1.51
C ALA A 339 7.75 -1.05 0.37
N GLY A 340 8.14 -2.26 -0.08
CA GLY A 340 9.07 -2.33 -1.21
C GLY A 340 8.45 -1.74 -2.50
N ALA A 341 7.19 -2.05 -2.75
CA ALA A 341 6.55 -1.54 -3.98
C ALA A 341 6.38 -0.02 -3.89
N LEU A 342 6.08 0.49 -2.71
CA LEU A 342 5.92 1.93 -2.50
C LEU A 342 7.25 2.63 -2.69
N GLU A 343 8.31 2.04 -2.16
CA GLU A 343 9.59 2.68 -2.31
C GLU A 343 10.00 2.82 -3.81
N ARG A 344 9.84 1.78 -4.63
CA ARG A 344 10.18 1.88 -6.04
C ARG A 344 9.22 2.85 -6.78
N THR A 345 7.93 2.81 -6.44
CA THR A 345 7.00 3.73 -7.07
C THR A 345 7.41 5.21 -6.79
N LEU A 346 7.75 5.53 -5.54
CA LEU A 346 8.20 6.90 -5.19
C LEU A 346 9.40 7.32 -6.09
N ASP A 347 10.45 6.50 -6.16
CA ASP A 347 11.58 6.80 -7.03
C ASP A 347 11.13 7.18 -8.45
N VAL A 348 10.22 6.40 -9.01
CA VAL A 348 9.72 6.65 -10.35
C VAL A 348 8.90 7.94 -10.44
N LEU A 349 8.01 8.19 -9.46
CA LEU A 349 7.20 9.40 -9.51
C LEU A 349 8.08 10.65 -9.43
N LYS A 350 9.19 10.56 -8.69
CA LYS A 350 10.10 11.67 -8.54
C LYS A 350 11.02 11.92 -9.72
N GLY A 351 11.57 10.86 -10.31
CA GLY A 351 12.52 11.07 -11.41
C GLY A 351 12.04 10.69 -12.79
N MET A 352 10.73 10.58 -12.90
CA MET A 352 10.01 10.24 -14.12
C MET A 352 10.45 11.15 -15.29
N GLU A 353 10.80 10.55 -16.42
CA GLU A 353 11.23 11.28 -17.61
C GLU A 353 10.06 11.33 -18.63
N VAL A 354 9.54 12.51 -18.94
CA VAL A 354 8.43 12.62 -19.87
C VAL A 354 8.96 13.00 -21.25
N ASN A 355 8.56 12.27 -22.30
CA ASN A 355 9.05 12.59 -23.66
C ASN A 355 7.86 13.14 -24.47
N ALA A 356 7.69 14.45 -24.44
CA ALA A 356 6.60 15.19 -25.06
C ALA A 356 6.53 15.02 -26.56
N GLU A 357 7.66 14.86 -27.23
CA GLU A 357 7.64 14.65 -28.67
C GLU A 357 7.01 13.34 -29.09
N ASN A 358 7.38 12.26 -28.39
CA ASN A 358 6.80 10.95 -28.65
C ASN A 358 5.30 11.00 -28.34
N MET A 359 4.91 11.72 -27.30
CA MET A 359 3.48 11.83 -27.01
C MET A 359 2.76 12.52 -28.17
N HIS A 360 3.41 13.55 -28.72
CA HIS A 360 2.83 14.32 -29.83
C HIS A 360 2.75 13.40 -31.05
N GLN A 361 3.84 12.73 -31.34
CA GLN A 361 3.87 11.76 -32.43
C GLN A 361 2.85 10.64 -32.35
N ASN A 362 2.60 10.07 -31.17
CA ASN A 362 1.68 8.98 -31.15
C ASN A 362 0.28 9.49 -31.37
N ILE A 363 0.04 10.78 -31.05
CA ILE A 363 -1.27 11.35 -31.31
C ILE A 363 -1.50 11.40 -32.86
N GLU A 364 -0.42 11.55 -33.63
CA GLU A 364 -0.61 11.63 -35.10
C GLU A 364 -0.74 10.29 -35.78
N CYS A 365 -0.54 9.23 -35.00
CA CYS A 365 -0.61 7.85 -35.49
C CYS A 365 -1.83 7.48 -36.40
N THR A 366 -3.04 7.86 -36.03
CA THR A 366 -4.20 7.52 -36.89
C THR A 366 -4.54 8.61 -37.92
N HIS A 367 -3.63 9.56 -38.10
CA HIS A 367 -3.83 10.63 -39.07
C HIS A 367 -5.18 11.33 -38.94
N GLY A 368 -5.50 11.79 -37.74
CA GLY A 368 -6.70 12.52 -37.51
C GLY A 368 -7.96 11.72 -37.29
N LEU A 369 -7.92 10.41 -37.51
CA LEU A 369 -9.14 9.62 -37.29
C LEU A 369 -9.68 9.72 -35.85
N ILE A 370 -8.80 9.79 -34.84
CA ILE A 370 -9.27 9.92 -33.47
C ILE A 370 -10.01 11.25 -33.19
N MET A 371 -9.90 12.23 -34.09
CA MET A 371 -10.59 13.51 -33.90
C MET A 371 -11.94 13.53 -34.59
N ALA A 372 -12.34 12.39 -35.14
CA ALA A 372 -13.60 12.32 -35.86
C ALA A 372 -14.81 12.77 -35.07
N GLU A 373 -14.89 12.36 -33.83
CA GLU A 373 -16.07 12.77 -33.08
C GLU A 373 -16.02 14.27 -32.70
N ALA A 374 -14.82 14.81 -32.49
CA ALA A 374 -14.67 16.23 -32.22
C ALA A 374 -15.22 17.01 -33.47
N VAL A 375 -14.84 16.58 -34.68
CA VAL A 375 -15.32 17.26 -35.91
C VAL A 375 -16.85 17.19 -36.02
N MET A 376 -17.39 16.04 -35.64
CA MET A 376 -18.81 15.84 -35.68
C MET A 376 -19.57 16.77 -34.69
N MET A 377 -19.01 16.99 -33.49
CA MET A 377 -19.62 17.89 -32.49
C MET A 377 -19.60 19.35 -32.97
N ALA A 378 -18.50 19.76 -33.60
CA ALA A 378 -18.37 21.13 -34.13
C ALA A 378 -19.38 21.38 -35.24
N LEU A 379 -19.71 20.34 -36.02
CA LEU A 379 -20.66 20.44 -37.13
C LEU A 379 -22.12 20.31 -36.77
N ALA A 380 -22.41 19.56 -35.69
CA ALA A 380 -23.78 19.28 -35.25
C ALA A 380 -24.71 20.49 -35.23
N PRO A 381 -24.28 21.61 -34.63
CA PRO A 381 -25.08 22.85 -34.54
C PRO A 381 -25.50 23.42 -35.92
N HIS A 382 -24.54 23.54 -36.83
CA HIS A 382 -24.85 24.07 -38.14
C HIS A 382 -25.43 23.02 -39.08
N MET A 383 -25.63 21.79 -38.61
CA MET A 383 -26.06 20.75 -39.56
C MET A 383 -27.08 19.72 -39.08
N GLY A 384 -27.18 19.51 -37.77
CA GLY A 384 -28.07 18.51 -37.23
C GLY A 384 -27.15 17.34 -37.01
N ARG A 385 -27.20 16.70 -35.85
CA ARG A 385 -26.30 15.57 -35.58
C ARG A 385 -26.29 14.45 -36.63
N LEU A 386 -27.44 14.16 -37.23
CA LEU A 386 -27.54 13.10 -38.24
C LEU A 386 -26.68 13.45 -39.43
N ASN A 387 -26.88 14.67 -39.90
CA ASN A 387 -26.16 15.19 -41.02
C ASN A 387 -24.66 15.29 -40.77
N ALA A 388 -24.30 15.71 -39.56
CA ALA A 388 -22.92 15.83 -39.16
C ALA A 388 -22.30 14.43 -39.14
N HIS A 389 -22.97 13.49 -38.50
CA HIS A 389 -22.44 12.13 -38.47
C HIS A 389 -22.22 11.59 -39.88
N HIS A 390 -23.14 11.88 -40.79
CA HIS A 390 -22.98 11.32 -42.11
C HIS A 390 -21.87 11.93 -42.92
N VAL A 391 -21.62 13.21 -42.77
CA VAL A 391 -20.52 13.78 -43.53
C VAL A 391 -19.13 13.29 -43.02
N VAL A 392 -19.02 13.11 -41.70
CA VAL A 392 -17.78 12.69 -41.09
C VAL A 392 -17.46 11.23 -41.40
N GLU A 393 -18.47 10.37 -41.35
CA GLU A 393 -18.26 8.97 -41.66
C GLU A 393 -17.82 8.79 -43.14
N ALA A 394 -18.40 9.53 -44.06
CA ALA A 394 -18.01 9.41 -45.46
C ALA A 394 -16.56 9.93 -45.62
N ALA A 395 -16.21 10.98 -44.87
CA ALA A 395 -14.86 11.54 -44.92
C ALA A 395 -13.82 10.55 -44.38
N CYS A 396 -14.20 9.80 -43.35
CA CYS A 396 -13.26 8.82 -42.77
C CYS A 396 -12.96 7.73 -43.79
N LYS A 397 -14.00 7.27 -44.50
CA LYS A 397 -13.87 6.25 -45.54
C LYS A 397 -12.93 6.75 -46.65
N THR A 398 -13.13 8.00 -47.05
CA THR A 398 -12.33 8.58 -48.08
C THR A 398 -10.89 8.73 -47.62
N ALA A 399 -10.70 9.22 -46.39
CA ALA A 399 -9.36 9.43 -45.85
C ALA A 399 -8.64 8.09 -45.76
N VAL A 400 -9.36 7.03 -45.41
CA VAL A 400 -8.69 5.77 -45.35
C VAL A 400 -8.37 5.28 -46.77
N ALA A 401 -9.31 5.41 -47.71
CA ALA A 401 -9.05 4.99 -49.07
C ALA A 401 -7.86 5.74 -49.73
N GLU A 402 -7.80 7.06 -49.52
CA GLU A 402 -6.70 7.89 -50.07
C GLU A 402 -5.43 7.92 -49.17
N GLN A 403 -5.52 7.31 -47.99
CA GLN A 403 -4.43 7.34 -47.00
C GLN A 403 -3.98 8.80 -46.78
N LYS A 404 -4.92 9.68 -46.48
CA LYS A 404 -4.61 11.09 -46.23
C LYS A 404 -5.06 11.38 -44.84
N HIS A 405 -4.61 12.51 -44.28
CA HIS A 405 -5.04 12.92 -42.96
C HIS A 405 -6.54 13.31 -43.07
N LEU A 406 -7.32 12.97 -42.06
CA LEU A 406 -8.73 13.33 -42.11
C LEU A 406 -8.92 14.85 -42.30
N LYS A 407 -8.00 15.68 -41.81
CA LYS A 407 -8.18 17.14 -41.95
C LYS A 407 -8.15 17.49 -43.46
N ASP A 408 -7.22 16.91 -44.21
CA ASP A 408 -7.13 17.16 -45.64
C ASP A 408 -8.42 16.82 -46.34
N ILE A 409 -9.09 15.75 -45.95
CA ILE A 409 -10.33 15.37 -46.61
C ILE A 409 -11.51 16.24 -46.18
N ILE A 410 -11.67 16.44 -44.90
CA ILE A 410 -12.79 17.21 -44.46
C ILE A 410 -12.74 18.66 -44.95
N SER A 411 -11.54 19.23 -45.06
CA SER A 411 -11.41 20.62 -45.48
C SER A 411 -11.84 20.91 -46.92
N GLN A 412 -11.93 19.87 -47.76
CA GLN A 412 -12.37 20.10 -49.12
C GLN A 412 -13.82 19.66 -49.36
N VAL A 413 -14.56 19.42 -48.29
CA VAL A 413 -15.98 19.03 -48.35
C VAL A 413 -16.81 20.31 -48.34
N ASP A 414 -17.65 20.52 -49.35
CA ASP A 414 -18.43 21.75 -49.43
C ASP A 414 -19.25 22.18 -48.25
N GLU A 415 -20.20 21.34 -47.85
CA GLU A 415 -21.08 21.60 -46.72
C GLU A 415 -20.30 22.28 -45.60
N VAL A 416 -19.09 21.76 -45.38
CA VAL A 416 -18.17 22.21 -44.35
C VAL A 416 -17.56 23.59 -44.57
N LYS A 417 -17.02 23.84 -45.75
CA LYS A 417 -16.42 25.15 -46.04
C LYS A 417 -17.45 26.24 -45.83
N GLN A 418 -18.73 25.85 -45.97
CA GLN A 418 -19.85 26.78 -45.76
C GLN A 418 -19.88 27.36 -44.34
N TYR A 419 -19.33 26.63 -43.36
CA TYR A 419 -19.34 27.09 -41.97
C TYR A 419 -18.01 27.33 -41.28
N PHE A 420 -16.91 26.88 -41.86
CA PHE A 420 -15.62 27.08 -41.17
C PHE A 420 -14.46 27.51 -42.07
N ASN A 421 -13.66 28.50 -41.63
CA ASN A 421 -12.47 28.92 -42.42
C ASN A 421 -11.35 27.93 -42.12
N PRO A 422 -10.26 27.98 -42.90
CA PRO A 422 -9.20 27.04 -42.61
C PRO A 422 -8.70 27.17 -41.18
N SER A 423 -8.62 28.39 -40.66
CA SER A 423 -8.12 28.53 -39.31
C SER A 423 -9.03 27.89 -38.27
N GLN A 424 -10.35 27.99 -38.45
CA GLN A 424 -11.29 27.36 -37.49
C GLN A 424 -11.18 25.81 -37.56
N LEU A 425 -10.86 25.30 -38.75
CA LEU A 425 -10.70 23.88 -38.93
C LEU A 425 -9.43 23.43 -38.22
N ASP A 426 -8.35 24.21 -38.29
CA ASP A 426 -7.13 23.81 -37.60
C ASP A 426 -7.37 23.75 -36.09
N GLU A 427 -8.26 24.60 -35.59
CA GLU A 427 -8.54 24.60 -34.15
C GLU A 427 -9.36 23.38 -33.76
N ILE A 428 -10.35 23.06 -34.57
CA ILE A 428 -11.18 21.90 -34.33
C ILE A 428 -10.31 20.62 -34.30
N PHE A 429 -9.25 20.55 -35.08
CA PHE A 429 -8.40 19.38 -35.10
C PHE A 429 -7.26 19.30 -34.06
N LYS A 430 -7.14 20.30 -33.17
CA LYS A 430 -6.10 20.26 -32.14
C LYS A 430 -6.58 19.40 -30.98
N PRO A 431 -5.75 18.43 -30.55
CA PRO A 431 -6.05 17.50 -29.44
C PRO A 431 -6.55 18.23 -28.20
N GLU A 432 -5.93 19.38 -27.91
CA GLU A 432 -6.28 20.26 -26.78
C GLU A 432 -7.70 20.76 -26.84
N SER A 433 -8.28 20.80 -28.01
CA SER A 433 -9.62 21.35 -28.04
C SER A 433 -10.71 20.31 -27.69
N TYR A 434 -10.30 19.07 -27.37
CA TYR A 434 -11.29 18.06 -27.05
C TYR A 434 -10.96 17.30 -25.77
N LEU A 435 -10.78 18.04 -24.68
CA LEU A 435 -10.41 17.48 -23.39
C LEU A 435 -11.52 17.51 -22.35
N GLY A 436 -12.72 17.92 -22.76
CA GLY A 436 -13.86 17.97 -21.87
C GLY A 436 -13.59 18.64 -20.52
N ASN A 437 -13.97 18.02 -19.42
CA ASN A 437 -13.74 18.68 -18.14
C ASN A 437 -12.51 18.15 -17.42
N ILE A 438 -11.46 17.76 -18.16
CA ILE A 438 -10.25 17.26 -17.48
C ILE A 438 -9.61 18.26 -16.49
N GLN A 439 -9.64 19.56 -16.81
CA GLN A 439 -9.03 20.57 -15.94
C GLN A 439 -9.83 20.72 -14.66
N ASP A 440 -11.16 20.62 -14.75
CA ASP A 440 -12.00 20.67 -13.54
C ASP A 440 -11.63 19.48 -12.64
N GLN A 441 -11.43 18.29 -13.25
CA GLN A 441 -11.08 17.10 -12.45
C GLN A 441 -9.72 17.26 -11.81
N ILE A 442 -8.74 17.78 -12.55
CA ILE A 442 -7.45 17.97 -11.93
C ILE A 442 -7.57 19.01 -10.77
N ASP A 443 -8.33 20.09 -10.96
CA ASP A 443 -8.49 21.09 -9.90
C ASP A 443 -9.18 20.45 -8.68
N ALA A 444 -10.20 19.65 -8.95
CA ALA A 444 -10.94 18.99 -7.88
C ALA A 444 -9.98 18.13 -7.05
N VAL A 445 -9.05 17.37 -7.66
CA VAL A 445 -8.16 16.60 -6.79
C VAL A 445 -7.12 17.44 -6.10
N LEU A 446 -6.71 18.56 -6.69
CA LEU A 446 -5.74 19.45 -6.05
C LEU A 446 -6.41 20.11 -4.82
N GLN A 447 -7.71 20.29 -4.85
CA GLN A 447 -8.42 20.84 -3.69
C GLN A 447 -8.65 19.86 -2.53
N GLU A 448 -9.00 18.59 -2.80
CA GLU A 448 -9.23 17.68 -1.70
C GLU A 448 -7.97 17.57 -0.84
N ALA A 449 -6.89 18.20 -1.29
CA ALA A 449 -5.61 18.22 -0.59
C ALA A 449 -5.42 19.31 0.50
#